data_2MTU
#
_entry.id   2MTU
#
_entity_poly.entity_id   1
_entity_poly.type   'polypeptide(L)'
_entity_poly.pdbx_seq_one_letter_code
;GC(ABA)SDPRCRYR(ABA)R
;
_entity_poly.pdbx_strand_id   A
#
# COMPACT_ATOMS: atom_id res chain seq x y z
N GLY A 1 4.37 -0.15 6.41
CA GLY A 1 5.03 -1.40 5.93
C GLY A 1 4.67 -1.63 4.46
N CYS A 2 3.37 -1.70 4.17
CA CYS A 2 2.92 -1.92 2.81
C CYS A 2 2.33 -0.65 2.22
N SER A 4 4.20 1.41 0.02
CA SER A 4 4.65 1.49 -1.37
C SER A 4 3.96 0.41 -2.22
N ASP A 5 3.34 -0.56 -1.54
CA ASP A 5 2.67 -1.63 -2.26
C ASP A 5 1.24 -1.23 -2.68
N PRO A 6 0.93 -1.20 -3.96
CA PRO A 6 -0.42 -0.81 -4.45
C PRO A 6 -1.46 -1.90 -4.22
N ARG A 7 -0.98 -3.11 -3.98
CA ARG A 7 -1.86 -4.23 -3.75
C ARG A 7 -2.37 -4.24 -2.30
N CYS A 8 -1.75 -3.41 -1.46
CA CYS A 8 -2.16 -3.33 -0.06
C CYS A 8 -3.42 -2.48 0.08
N ARG A 9 -4.20 -2.73 1.13
CA ARG A 9 -5.43 -1.99 1.35
C ARG A 9 -5.12 -0.50 1.49
N TYR A 10 -4.09 -0.18 2.24
CA TYR A 10 -3.70 1.21 2.45
C TYR A 10 -2.56 1.59 1.50
N ARG A 11 -2.82 2.59 0.65
CA ARG A 11 -1.81 3.05 -0.31
C ARG A 11 -1.34 4.46 0.04
N ARG A 13 2.12 7.57 -0.54
CA ARG A 13 3.00 8.13 -1.56
C ARG A 13 2.24 8.40 -2.85
N GLY A 1 4.41 2.51 6.23
CA GLY A 1 3.11 1.92 5.75
C GLY A 1 3.40 0.89 4.66
N CYS A 2 2.36 0.52 3.93
CA CYS A 2 2.49 -0.46 2.86
C CYS A 2 2.37 0.21 1.51
N SER A 4 4.92 0.48 -0.52
CA SER A 4 5.78 -0.26 -1.44
C SER A 4 4.96 -1.22 -2.28
N ASP A 5 3.87 -1.73 -1.71
CA ASP A 5 3.01 -2.66 -2.43
C ASP A 5 1.68 -2.00 -2.85
N PRO A 6 1.39 -1.89 -4.13
CA PRO A 6 0.13 -1.24 -4.62
C PRO A 6 -1.10 -2.09 -4.35
N ARG A 7 -0.88 -3.36 -4.04
CA ARG A 7 -1.99 -4.28 -3.76
C ARG A 7 -2.50 -4.08 -2.34
N CYS A 8 -1.74 -3.36 -1.52
CA CYS A 8 -2.12 -3.12 -0.14
C CYS A 8 -3.37 -2.25 -0.10
N ARG A 9 -4.33 -2.64 0.74
CA ARG A 9 -5.58 -1.88 0.85
C ARG A 9 -5.30 -0.46 1.35
N TYR A 10 -4.37 -0.35 2.29
CA TYR A 10 -4.02 0.96 2.83
C TYR A 10 -3.07 1.69 1.89
N ARG A 11 -3.38 2.95 1.59
CA ARG A 11 -2.55 3.74 0.69
C ARG A 11 -1.89 4.90 1.45
N ARG A 13 0.64 8.57 1.37
CA ARG A 13 0.87 9.74 0.54
C ARG A 13 2.37 9.96 0.33
N GLY A 1 3.87 1.80 6.90
CA GLY A 1 3.02 2.05 5.70
C GLY A 1 3.32 1.00 4.64
N CYS A 2 2.30 0.62 3.87
CA CYS A 2 2.45 -0.37 2.82
C CYS A 2 2.36 0.27 1.45
N SER A 4 4.94 0.47 -0.54
CA SER A 4 5.80 -0.29 -1.43
C SER A 4 4.98 -1.26 -2.28
N ASP A 5 3.88 -1.75 -1.71
CA ASP A 5 3.01 -2.68 -2.43
C ASP A 5 1.69 -2.02 -2.84
N PRO A 6 1.39 -1.91 -4.12
CA PRO A 6 0.14 -1.27 -4.62
C PRO A 6 -1.09 -2.12 -4.35
N ARG A 7 -0.87 -3.39 -4.02
CA ARG A 7 -1.97 -4.30 -3.75
C ARG A 7 -2.49 -4.10 -2.33
N CYS A 8 -1.73 -3.37 -1.52
CA CYS A 8 -2.13 -3.11 -0.14
C CYS A 8 -3.38 -2.24 -0.10
N ARG A 9 -4.35 -2.64 0.72
CA ARG A 9 -5.59 -1.88 0.83
C ARG A 9 -5.32 -0.46 1.32
N TYR A 10 -4.40 -0.34 2.28
CA TYR A 10 -4.05 0.96 2.83
C TYR A 10 -3.08 1.69 1.90
N ARG A 11 -3.39 2.95 1.60
CA ARG A 11 -2.54 3.76 0.72
C ARG A 11 -1.88 4.88 1.50
N ARG A 13 1.18 8.32 1.35
CA ARG A 13 1.43 9.52 0.56
C ARG A 13 2.59 9.29 -0.40
N GLY A 1 5.05 -0.19 6.92
CA GLY A 1 3.78 -0.88 6.55
C GLY A 1 3.81 -1.26 5.08
N CYS A 2 2.63 -1.47 4.49
CA CYS A 2 2.54 -1.84 3.09
C CYS A 2 1.96 -0.71 2.26
N SER A 4 3.98 1.30 0.28
CA SER A 4 4.70 1.32 -0.99
C SER A 4 4.05 0.38 -2.00
N ASP A 5 3.30 -0.59 -1.49
CA ASP A 5 2.65 -1.55 -2.38
C ASP A 5 1.18 -1.14 -2.66
N PRO A 6 0.83 -0.88 -3.91
CA PRO A 6 -0.56 -0.45 -4.27
C PRO A 6 -1.57 -1.59 -4.16
N ARG A 7 -1.06 -2.82 -4.10
CA ARG A 7 -1.92 -3.98 -3.99
C ARG A 7 -2.40 -4.17 -2.56
N CYS A 8 -1.78 -3.45 -1.62
CA CYS A 8 -2.15 -3.56 -0.22
C CYS A 8 -3.37 -2.67 0.07
N ARG A 9 -4.03 -2.93 1.20
CA ARG A 9 -5.21 -2.16 1.57
C ARG A 9 -4.86 -0.68 1.72
N TYR A 10 -3.69 -0.41 2.28
CA TYR A 10 -3.25 0.96 2.48
C TYR A 10 -2.16 1.31 1.47
N ARG A 11 -2.29 2.49 0.85
CA ARG A 11 -1.30 2.93 -0.14
C ARG A 11 -0.94 4.39 0.08
N ARG A 13 1.27 7.99 -1.65
CA ARG A 13 1.78 8.61 -2.88
C ARG A 13 3.26 8.90 -2.75
N GLY A 1 1.03 0.04 7.46
CA GLY A 1 0.59 0.22 6.04
C GLY A 1 1.73 -0.17 5.10
N CYS A 2 1.37 -0.79 3.97
CA CYS A 2 2.36 -1.22 2.99
C CYS A 2 2.31 -0.37 1.73
N SER A 4 4.65 0.26 0.00
CA SER A 4 5.64 -0.28 -0.92
C SER A 4 4.97 -1.05 -2.05
N ASP A 5 3.73 -1.49 -1.81
CA ASP A 5 2.98 -2.25 -2.81
C ASP A 5 1.62 -1.57 -3.12
N PRO A 6 1.22 -1.52 -4.39
CA PRO A 6 -0.07 -0.89 -4.81
C PRO A 6 -1.28 -1.70 -4.37
N ARG A 7 -1.08 -3.00 -4.20
CA ARG A 7 -2.17 -3.88 -3.79
C ARG A 7 -2.41 -3.76 -2.28
N CYS A 8 -1.54 -3.04 -1.59
CA CYS A 8 -1.68 -2.84 -0.15
C CYS A 8 -2.99 -2.13 0.16
N ARG A 9 -3.74 -2.67 1.11
CA ARG A 9 -5.02 -2.09 1.48
C ARG A 9 -4.85 -0.66 1.97
N TYR A 10 -3.64 -0.35 2.44
CA TYR A 10 -3.36 1.00 2.93
C TYR A 10 -2.73 1.85 1.83
N ARG A 11 -3.45 2.89 1.42
CA ARG A 11 -2.95 3.78 0.37
C ARG A 11 -2.12 4.91 0.97
N ARG A 13 1.52 7.87 -0.10
CA ARG A 13 2.42 8.42 -1.10
C ARG A 13 3.83 7.87 -0.91
N GLY A 1 0.52 2.28 5.63
CA GLY A 1 0.64 0.80 5.77
C GLY A 1 1.79 0.29 4.89
N CYS A 2 1.42 -0.33 3.77
CA CYS A 2 2.41 -0.85 2.84
C CYS A 2 2.42 -0.04 1.55
N SER A 4 4.82 0.45 -0.27
CA SER A 4 5.68 -0.25 -1.23
C SER A 4 4.88 -1.11 -2.19
N ASP A 5 3.76 -1.67 -1.73
CA ASP A 5 2.95 -2.54 -2.58
C ASP A 5 1.70 -1.79 -3.07
N PRO A 6 1.32 -1.91 -4.33
CA PRO A 6 0.12 -1.23 -4.87
C PRO A 6 -1.18 -1.87 -4.39
N ARG A 7 -1.11 -3.17 -4.10
CA ARG A 7 -2.29 -3.90 -3.64
C ARG A 7 -2.53 -3.66 -2.15
N CYS A 8 -1.60 -2.95 -1.52
CA CYS A 8 -1.73 -2.66 -0.09
C CYS A 8 -3.06 -1.99 0.20
N ARG A 9 -3.69 -2.39 1.30
CA ARG A 9 -4.98 -1.83 1.68
C ARG A 9 -4.86 -0.32 1.87
N TYR A 10 -3.76 0.10 2.48
CA TYR A 10 -3.53 1.52 2.71
C TYR A 10 -2.73 2.11 1.56
N ARG A 11 -3.39 2.89 0.71
CA ARG A 11 -2.73 3.49 -0.44
C ARG A 11 -1.83 4.64 0.01
N ARG A 13 -2.06 6.48 1.98
CA ARG A 13 -2.88 7.58 2.47
C ARG A 13 -4.26 7.08 2.89
N GLY A 1 3.45 2.28 6.86
CA GLY A 1 2.56 2.35 5.67
C GLY A 1 2.99 1.31 4.65
N CYS A 2 2.03 0.83 3.86
CA CYS A 2 2.32 -0.17 2.83
C CYS A 2 2.23 0.44 1.45
N SER A 4 4.90 0.50 -0.57
CA SER A 4 5.78 -0.30 -1.42
C SER A 4 4.97 -1.27 -2.26
N ASP A 5 3.85 -1.76 -1.72
CA ASP A 5 3.00 -2.70 -2.43
C ASP A 5 1.68 -2.05 -2.86
N PRO A 6 1.39 -1.95 -4.14
CA PRO A 6 0.13 -1.32 -4.63
C PRO A 6 -1.10 -2.18 -4.35
N ARG A 7 -0.87 -3.45 -4.04
CA ARG A 7 -1.97 -4.37 -3.75
C ARG A 7 -2.50 -4.16 -2.34
N CYS A 8 -1.73 -3.42 -1.52
CA CYS A 8 -2.14 -3.16 -0.15
C CYS A 8 -3.37 -2.26 -0.12
N ARG A 9 -4.37 -2.63 0.68
CA ARG A 9 -5.58 -1.85 0.78
C ARG A 9 -5.26 -0.43 1.26
N TYR A 10 -4.42 -0.33 2.27
CA TYR A 10 -4.05 0.97 2.83
C TYR A 10 -3.00 1.64 1.95
N ARG A 11 -3.25 2.89 1.59
CA ARG A 11 -2.31 3.64 0.75
C ARG A 11 -1.72 4.81 1.53
N ARG A 13 0.63 8.55 1.72
CA ARG A 13 0.67 9.83 1.02
C ARG A 13 2.11 10.34 0.92
N GLY A 1 1.10 -0.01 7.43
CA GLY A 1 0.66 0.14 6.03
C GLY A 1 1.78 -0.26 5.08
N CYS A 2 1.43 -0.86 3.95
CA CYS A 2 2.41 -1.29 2.98
C CYS A 2 2.32 -0.44 1.69
N SER A 4 4.53 0.33 -0.06
CA SER A 4 5.48 -0.22 -1.02
C SER A 4 4.78 -1.04 -2.09
N ASP A 5 3.67 -1.68 -1.71
CA ASP A 5 2.92 -2.50 -2.65
C ASP A 5 1.59 -1.82 -3.05
N PRO A 6 1.38 -1.50 -4.31
CA PRO A 6 0.13 -0.85 -4.79
C PRO A 6 -1.13 -1.61 -4.37
N ARG A 7 -0.99 -2.93 -4.23
CA ARG A 7 -2.12 -3.78 -3.84
C ARG A 7 -2.39 -3.68 -2.34
N CYS A 8 -1.47 -3.06 -1.61
CA CYS A 8 -1.62 -2.90 -0.18
C CYS A 8 -2.91 -2.15 0.14
N ARG A 9 -3.66 -2.66 1.11
CA ARG A 9 -4.93 -2.04 1.50
C ARG A 9 -4.72 -0.60 1.95
N TYR A 10 -3.52 -0.32 2.45
CA TYR A 10 -3.22 1.03 2.94
C TYR A 10 -2.73 1.91 1.78
N ARG A 11 -3.46 2.99 1.52
CA ARG A 11 -3.09 3.91 0.45
C ARG A 11 -2.24 5.05 0.98
N ARG A 13 1.23 8.00 -0.30
CA ARG A 13 2.10 8.52 -1.34
C ARG A 13 3.48 7.87 -1.27
N GLY A 1 3.90 2.08 6.11
CA GLY A 1 3.42 0.68 6.28
C GLY A 1 3.53 -0.06 4.94
N CYS A 2 2.42 -0.65 4.50
CA CYS A 2 2.40 -1.38 3.24
C CYS A 2 2.06 -0.43 2.10
N SER A 4 4.42 0.60 -0.03
CA SER A 4 5.28 0.22 -1.14
C SER A 4 4.54 -0.65 -2.14
N ASP A 5 3.51 -1.35 -1.66
CA ASP A 5 2.72 -2.23 -2.53
C ASP A 5 1.37 -1.59 -2.89
N PRO A 6 1.05 -1.41 -4.15
CA PRO A 6 -0.24 -0.78 -4.56
C PRO A 6 -1.43 -1.71 -4.31
N ARG A 7 -1.15 -3.00 -4.14
CA ARG A 7 -2.19 -3.98 -3.90
C ARG A 7 -2.59 -4.02 -2.44
N CYS A 8 -1.82 -3.35 -1.59
CA CYS A 8 -2.10 -3.32 -0.17
C CYS A 8 -3.25 -2.34 0.14
N ARG A 9 -3.92 -2.56 1.25
CA ARG A 9 -5.02 -1.70 1.66
C ARG A 9 -4.53 -0.26 1.87
N TYR A 10 -3.25 -0.12 2.18
CA TYR A 10 -2.68 1.20 2.40
C TYR A 10 -1.87 1.64 1.19
N ARG A 11 -2.35 2.69 0.52
CA ARG A 11 -1.68 3.20 -0.67
C ARG A 11 -1.09 4.58 -0.41
N ARG A 13 -0.62 8.53 0.72
CA ARG A 13 -1.35 9.70 0.23
C ARG A 13 -1.27 9.76 -1.30
N GLY A 1 3.38 -0.06 7.11
CA GLY A 1 3.75 -1.46 6.74
C GLY A 1 4.03 -1.54 5.25
N CYS A 2 2.99 -1.82 4.46
CA CYS A 2 3.14 -1.94 3.02
C CYS A 2 2.45 -0.77 2.32
N SER A 4 4.18 1.31 0.17
CA SER A 4 4.76 1.41 -1.17
C SER A 4 4.05 0.46 -2.13
N ASP A 5 3.40 -0.57 -1.58
CA ASP A 5 2.69 -1.53 -2.41
C ASP A 5 1.22 -1.08 -2.64
N PRO A 6 0.83 -0.85 -3.88
CA PRO A 6 -0.56 -0.40 -4.22
C PRO A 6 -1.57 -1.53 -4.08
N ARG A 7 -1.07 -2.76 -3.98
CA ARG A 7 -1.93 -3.92 -3.85
C ARG A 7 -2.41 -4.07 -2.40
N CYS A 8 -1.78 -3.33 -1.48
CA CYS A 8 -2.15 -3.37 -0.09
C CYS A 8 -3.41 -2.56 0.18
N ARG A 9 -4.06 -2.79 1.30
CA ARG A 9 -5.28 -2.08 1.64
C ARG A 9 -5.01 -0.58 1.69
N TYR A 10 -3.91 -0.20 2.32
CA TYR A 10 -3.55 1.21 2.43
C TYR A 10 -2.49 1.57 1.40
N ARG A 11 -2.85 2.46 0.48
CA ARG A 11 -1.92 2.89 -0.56
C ARG A 11 -1.41 4.29 -0.29
N ARG A 13 2.04 5.02 -1.76
CA ARG A 13 3.12 5.14 -2.73
C ARG A 13 3.30 3.84 -3.50
N GLY A 1 5.15 0.08 6.22
CA GLY A 1 4.94 -1.37 5.98
C GLY A 1 4.62 -1.61 4.51
N CYS A 2 3.32 -1.71 4.21
CA CYS A 2 2.88 -1.94 2.84
C CYS A 2 2.30 -0.67 2.24
N SER A 4 4.18 1.41 0.06
CA SER A 4 4.65 1.51 -1.32
C SER A 4 3.97 0.45 -2.18
N ASP A 5 3.35 -0.53 -1.53
CA ASP A 5 2.67 -1.59 -2.25
C ASP A 5 1.23 -1.18 -2.63
N PRO A 6 0.91 -1.11 -3.91
CA PRO A 6 -0.45 -0.70 -4.40
C PRO A 6 -1.48 -1.81 -4.19
N ARG A 7 -0.99 -3.03 -4.00
CA ARG A 7 -1.87 -4.17 -3.79
C ARG A 7 -2.37 -4.22 -2.35
N CYS A 8 -1.78 -3.39 -1.49
CA CYS A 8 -2.17 -3.36 -0.07
C CYS A 8 -3.43 -2.53 0.08
N ARG A 9 -4.16 -2.78 1.16
CA ARG A 9 -5.39 -2.05 1.43
C ARG A 9 -5.12 -0.56 1.55
N TYR A 10 -4.03 -0.22 2.26
CA TYR A 10 -3.67 1.18 2.44
C TYR A 10 -2.56 1.57 1.48
N ARG A 11 -2.83 2.59 0.66
CA ARG A 11 -1.83 3.05 -0.31
C ARG A 11 -1.30 4.43 0.08
N ARG A 13 2.31 7.43 -0.66
CA ARG A 13 3.30 7.92 -1.62
C ARG A 13 4.52 7.02 -1.63
N GLY A 1 4.35 0.52 6.81
CA GLY A 1 3.86 -0.88 6.61
C GLY A 1 3.83 -1.20 5.12
N CYS A 2 2.64 -1.24 4.55
CA CYS A 2 2.47 -1.54 3.14
C CYS A 2 2.06 -0.29 2.37
N SER A 4 4.30 1.34 0.07
CA SER A 4 4.85 1.24 -1.28
C SER A 4 4.05 0.24 -2.11
N ASP A 5 3.35 -0.66 -1.44
CA ASP A 5 2.56 -1.67 -2.14
C ASP A 5 1.18 -1.11 -2.57
N PRO A 6 0.89 -1.08 -3.86
CA PRO A 6 -0.42 -0.56 -4.37
C PRO A 6 -1.55 -1.58 -4.21
N ARG A 7 -1.18 -2.86 -4.13
CA ARG A 7 -2.17 -3.92 -3.98
C ARG A 7 -2.67 -4.00 -2.54
N CYS A 8 -1.85 -3.55 -1.60
CA CYS A 8 -2.23 -3.57 -0.20
C CYS A 8 -3.41 -2.64 0.04
N ARG A 9 -4.20 -2.94 1.07
CA ARG A 9 -5.37 -2.14 1.38
C ARG A 9 -4.96 -0.68 1.58
N TYR A 10 -3.87 -0.46 2.32
CA TYR A 10 -3.40 0.89 2.56
C TYR A 10 -2.26 1.22 1.62
N ARG A 11 -2.39 2.34 0.91
CA ARG A 11 -1.37 2.77 -0.04
C ARG A 11 -1.01 4.23 0.17
N ARG A 13 1.85 7.69 -1.35
CA ARG A 13 2.55 8.26 -2.50
C ARG A 13 1.73 8.05 -3.78
N GLY A 1 -0.13 2.78 3.86
CA GLY A 1 0.65 1.84 4.74
C GLY A 1 1.72 1.15 3.90
N CYS A 2 1.37 -0.01 3.37
CA CYS A 2 2.31 -0.77 2.55
C CYS A 2 2.49 -0.13 1.18
N SER A 4 4.74 0.37 -0.41
CA SER A 4 5.69 -0.37 -1.21
C SER A 4 4.99 -1.34 -2.15
N ASP A 5 3.81 -1.82 -1.74
CA ASP A 5 3.05 -2.76 -2.55
C ASP A 5 1.75 -2.13 -3.09
N PRO A 6 1.57 -2.04 -4.39
CA PRO A 6 0.33 -1.46 -4.99
C PRO A 6 -0.95 -2.12 -4.46
N ARG A 7 -0.83 -3.38 -4.06
CA ARG A 7 -1.97 -4.13 -3.55
C ARG A 7 -2.26 -3.77 -2.10
N CYS A 8 -1.47 -2.87 -1.54
CA CYS A 8 -1.66 -2.46 -0.15
C CYS A 8 -3.09 -2.01 0.06
N ARG A 9 -3.73 -2.52 1.13
CA ARG A 9 -5.09 -2.17 1.42
C ARG A 9 -5.23 -0.66 1.66
N TYR A 10 -4.33 -0.10 2.46
CA TYR A 10 -4.37 1.33 2.76
C TYR A 10 -3.22 2.06 2.06
N ARG A 11 -3.59 3.03 1.22
CA ARG A 11 -2.59 3.81 0.49
C ARG A 11 -1.95 4.85 1.41
N ARG A 13 0.75 8.46 1.85
CA ARG A 13 1.00 9.73 1.20
C ARG A 13 2.42 9.78 0.64
N GLY A 1 3.24 0.26 6.63
CA GLY A 1 4.23 -0.78 6.24
C GLY A 1 4.06 -1.13 4.78
N CYS A 2 2.81 -1.14 4.32
CA CYS A 2 2.51 -1.46 2.92
C CYS A 2 2.03 -0.22 2.18
N SER A 4 3.99 1.31 0.03
CA SER A 4 4.60 1.27 -1.29
C SER A 4 4.04 0.11 -2.11
N ASP A 5 3.10 -0.63 -1.53
CA ASP A 5 2.52 -1.78 -2.23
C ASP A 5 1.13 -1.43 -2.81
N PRO A 6 0.95 -1.47 -4.11
CA PRO A 6 -0.37 -1.14 -4.74
C PRO A 6 -1.42 -2.20 -4.50
N ARG A 7 -0.98 -3.40 -4.14
CA ARG A 7 -1.90 -4.50 -3.89
C ARG A 7 -2.40 -4.46 -2.45
N CYS A 8 -1.82 -3.58 -1.63
CA CYS A 8 -2.22 -3.46 -0.24
C CYS A 8 -3.33 -2.42 -0.09
N ARG A 9 -4.25 -2.66 0.84
CA ARG A 9 -5.35 -1.75 1.06
C ARG A 9 -4.83 -0.36 1.43
N TYR A 10 -3.85 -0.32 2.32
CA TYR A 10 -3.28 0.97 2.74
C TYR A 10 -2.18 1.38 1.78
N ARG A 11 -2.41 2.49 1.06
CA ARG A 11 -1.43 2.99 0.09
C ARG A 11 -1.16 4.47 0.32
N ARG A 13 1.91 7.93 -0.52
CA ARG A 13 2.83 8.47 -1.52
C ARG A 13 3.96 7.49 -1.80
N GLY A 1 0.65 1.57 6.28
CA GLY A 1 0.64 0.09 6.06
C GLY A 1 1.78 -0.29 5.11
N CYS A 2 1.42 -0.88 3.97
CA CYS A 2 2.42 -1.29 2.99
C CYS A 2 2.33 -0.44 1.73
N SER A 4 4.55 0.30 -0.03
CA SER A 4 5.50 -0.25 -1.00
C SER A 4 4.77 -1.03 -2.09
N ASP A 5 3.66 -1.67 -1.73
CA ASP A 5 2.90 -2.45 -2.69
C ASP A 5 1.57 -1.77 -3.06
N PRO A 6 1.34 -1.42 -4.31
CA PRO A 6 0.07 -0.77 -4.75
C PRO A 6 -1.17 -1.57 -4.32
N ARG A 7 -1.02 -2.88 -4.21
CA ARG A 7 -2.13 -3.75 -3.83
C ARG A 7 -2.40 -3.67 -2.33
N CYS A 8 -1.48 -3.04 -1.61
CA CYS A 8 -1.63 -2.90 -0.15
C CYS A 8 -2.92 -2.15 0.17
N ARG A 9 -3.68 -2.69 1.13
CA ARG A 9 -4.95 -2.08 1.52
C ARG A 9 -4.74 -0.64 1.97
N TYR A 10 -3.53 -0.33 2.43
CA TYR A 10 -3.23 1.01 2.91
C TYR A 10 -2.71 1.87 1.76
N ARG A 11 -3.44 2.95 1.46
CA ARG A 11 -3.05 3.84 0.38
C ARG A 11 -2.22 5.00 0.91
N ARG A 13 1.64 7.65 -0.15
CA ARG A 13 2.55 8.17 -1.17
C ARG A 13 3.73 8.89 -0.53
N GLY A 1 3.75 3.09 6.04
CA GLY A 1 2.61 2.20 5.70
C GLY A 1 3.07 1.16 4.68
N CYS A 2 2.14 0.68 3.86
CA CYS A 2 2.46 -0.32 2.85
C CYS A 2 2.47 0.29 1.47
N SER A 4 4.93 0.44 -0.37
CA SER A 4 5.78 -0.38 -1.22
C SER A 4 4.96 -1.32 -2.08
N ASP A 5 3.74 -1.65 -1.62
CA ASP A 5 2.87 -2.55 -2.37
C ASP A 5 1.57 -1.85 -2.79
N PRO A 6 1.28 -1.72 -4.07
CA PRO A 6 0.05 -1.04 -4.56
C PRO A 6 -1.20 -1.86 -4.31
N ARG A 7 -1.00 -3.15 -4.07
CA ARG A 7 -2.13 -4.05 -3.81
C ARG A 7 -2.59 -3.94 -2.36
N CYS A 8 -1.79 -3.28 -1.54
CA CYS A 8 -2.14 -3.11 -0.13
C CYS A 8 -3.44 -2.32 0.01
N ARG A 9 -4.33 -2.81 0.86
CA ARG A 9 -5.62 -2.16 1.08
C ARG A 9 -5.42 -0.72 1.57
N TYR A 10 -4.24 -0.45 2.14
CA TYR A 10 -3.94 0.88 2.65
C TYR A 10 -2.86 1.54 1.79
N ARG A 11 -3.16 2.74 1.30
CA ARG A 11 -2.22 3.49 0.47
C ARG A 11 -1.72 4.72 1.20
N ARG A 13 0.85 8.45 1.17
CA ARG A 13 0.95 9.64 0.35
C ARG A 13 2.40 10.16 0.34
N GLY A 1 5.33 -0.13 6.14
CA GLY A 1 5.04 -1.56 5.86
C GLY A 1 4.71 -1.73 4.38
N CYS A 2 3.43 -1.88 4.08
CA CYS A 2 2.98 -2.05 2.70
C CYS A 2 2.32 -0.80 2.18
N SER A 4 4.03 1.47 0.13
CA SER A 4 4.51 1.66 -1.24
C SER A 4 3.92 0.61 -2.17
N ASP A 5 3.31 -0.41 -1.58
CA ASP A 5 2.72 -1.48 -2.38
C ASP A 5 1.24 -1.18 -2.70
N PRO A 6 0.86 -1.08 -3.97
CA PRO A 6 -0.54 -0.77 -4.39
C PRO A 6 -1.48 -1.95 -4.16
N ARG A 7 -0.89 -3.12 -3.92
CA ARG A 7 -1.69 -4.31 -3.69
C ARG A 7 -2.23 -4.33 -2.25
N CYS A 8 -1.72 -3.45 -1.41
CA CYS A 8 -2.16 -3.38 -0.02
C CYS A 8 -3.42 -2.53 0.10
N ARG A 9 -4.20 -2.74 1.16
CA ARG A 9 -5.43 -1.98 1.35
C ARG A 9 -5.13 -0.49 1.49
N TYR A 10 -4.06 -0.17 2.22
CA TYR A 10 -3.68 1.22 2.41
C TYR A 10 -2.61 1.62 1.41
N ARG A 11 -2.86 2.71 0.68
CA ARG A 11 -1.90 3.19 -0.32
C ARG A 11 -1.28 4.50 0.14
N ARG A 13 2.17 5.18 -1.55
CA ARG A 13 3.26 5.30 -2.52
C ARG A 13 4.53 5.77 -1.82
N GLY A 1 3.29 1.70 7.00
CA GLY A 1 2.27 0.79 6.38
C GLY A 1 2.90 0.02 5.23
N CYS A 2 2.07 -0.54 4.37
CA CYS A 2 2.56 -1.30 3.22
C CYS A 2 2.40 -0.50 1.94
N SER A 4 4.60 0.21 0.09
CA SER A 4 5.55 -0.32 -0.87
C SER A 4 4.83 -1.01 -2.02
N ASP A 5 3.65 -1.55 -1.73
CA ASP A 5 2.87 -2.24 -2.76
C ASP A 5 1.49 -1.58 -2.95
N PRO A 6 1.09 -1.26 -4.19
CA PRO A 6 -0.23 -0.61 -4.48
C PRO A 6 -1.40 -1.58 -4.28
N ARG A 7 -1.08 -2.87 -4.23
CA ARG A 7 -2.12 -3.89 -4.05
C ARG A 7 -2.52 -3.99 -2.58
N CYS A 8 -1.74 -3.36 -1.70
CA CYS A 8 -2.04 -3.39 -0.27
C CYS A 8 -3.18 -2.45 0.06
N ARG A 9 -3.98 -2.80 1.06
CA ARG A 9 -5.12 -1.97 1.46
C ARG A 9 -4.66 -0.58 1.89
N TYR A 10 -3.39 -0.47 2.26
CA TYR A 10 -2.84 0.82 2.68
C TYR A 10 -2.52 1.69 1.48
N ARG A 11 -2.97 2.94 1.54
CA ARG A 11 -2.73 3.88 0.43
C ARG A 11 -1.82 5.01 0.89
N ARG A 13 0.03 8.91 0.29
CA ARG A 13 -0.34 10.22 -0.22
C ARG A 13 0.69 10.71 -1.24
N GLY A 1 3.11 -0.35 6.75
CA GLY A 1 4.35 -1.02 6.25
C GLY A 1 4.18 -1.36 4.77
N CYS A 2 2.94 -1.56 4.35
CA CYS A 2 2.66 -1.91 2.97
C CYS A 2 2.04 -0.76 2.26
N SER A 4 3.96 1.33 0.16
CA SER A 4 4.60 1.39 -1.15
C SER A 4 3.95 0.39 -2.10
N ASP A 5 3.31 -0.62 -1.54
CA ASP A 5 2.66 -1.65 -2.34
C ASP A 5 1.21 -1.24 -2.68
N PRO A 6 0.91 -1.10 -3.95
CA PRO A 6 -0.45 -0.71 -4.42
C PRO A 6 -1.47 -1.83 -4.24
N ARG A 7 -0.97 -3.05 -4.08
CA ARG A 7 -1.86 -4.20 -3.90
C ARG A 7 -2.37 -4.26 -2.47
N CYS A 8 -1.75 -3.48 -1.58
CA CYS A 8 -2.16 -3.45 -0.18
C CYS A 8 -3.33 -2.55 0.02
N ARG A 9 -4.08 -2.76 1.10
CA ARG A 9 -5.24 -1.94 1.39
C ARG A 9 -4.83 -0.47 1.57
N TYR A 10 -3.75 -0.26 2.31
CA TYR A 10 -3.26 1.10 2.56
C TYR A 10 -2.17 1.47 1.55
N ARG A 11 -2.41 2.55 0.81
CA ARG A 11 -1.45 3.00 -0.19
C ARG A 11 -1.12 4.48 0.00
N ARG A 13 1.71 7.91 -1.08
CA ARG A 13 2.13 8.59 -2.30
C ARG A 13 3.49 8.08 -2.76
N GLY A 1 4.03 -0.08 6.55
CA GLY A 1 4.76 -1.31 6.13
C GLY A 1 4.48 -1.58 4.65
N CYS A 2 3.20 -1.58 4.29
CA CYS A 2 2.80 -1.82 2.91
C CYS A 2 2.25 -0.57 2.28
N SER A 4 4.21 1.44 0.06
CA SER A 4 4.67 1.48 -1.33
C SER A 4 3.96 0.43 -2.17
N ASP A 5 3.35 -0.55 -1.51
CA ASP A 5 2.65 -1.62 -2.22
C ASP A 5 1.25 -1.17 -2.67
N PRO A 6 0.93 -1.19 -3.95
CA PRO A 6 -0.41 -0.77 -4.46
C PRO A 6 -1.48 -1.83 -4.22
N ARG A 7 -1.06 -3.08 -4.05
CA ARG A 7 -1.99 -4.18 -3.83
C ARG A 7 -2.51 -4.17 -2.39
N CYS A 8 -1.79 -3.50 -1.51
CA CYS A 8 -2.18 -3.44 -0.10
C CYS A 8 -3.42 -2.56 0.06
N ARG A 9 -4.19 -2.82 1.11
CA ARG A 9 -5.40 -2.06 1.36
C ARG A 9 -5.07 -0.57 1.52
N TYR A 10 -4.01 -0.29 2.26
CA TYR A 10 -3.60 1.09 2.48
C TYR A 10 -2.49 1.48 1.49
N ARG A 11 -2.71 2.57 0.77
CA ARG A 11 -1.73 3.04 -0.22
C ARG A 11 -1.23 4.43 0.14
N ARG A 13 2.12 7.62 -0.83
CA ARG A 13 3.02 8.14 -1.84
C ARG A 13 4.24 7.22 -1.99
#